data_5WKM
#
_entry.id   5WKM
#
_cell.length_a   100.626
_cell.length_b   58.114
_cell.length_c   49.862
_cell.angle_alpha   90.000
_cell.angle_beta   112.070
_cell.angle_gamma   90.000
#
_symmetry.space_group_name_H-M   'C 1 2 1'
#
loop_
_entity.id
_entity.type
_entity.pdbx_description
1 polymer 'Orf1a protein'
2 non-polymer '(1S,2S)-2-{[N-({[1-(tert-butoxycarbonyl)-4-ethylpiperidin-4-yl]oxy}carbonyl)-L-leucyl]amino}-1-hydroxy-3-[(3S)-2-oxopyrrolidin-3-yl]propane-1-sulfonic acid'
3 non-polymer '(1R,2S)-2-{[N-({[1-(tert-butoxycarbonyl)-4-ethylpiperidin-4-yl]oxy}carbonyl)-L-leucyl]amino}-1-hydroxy-3-[(3S)-2-oxopyrrolidin-3-yl]propane-1-sulfonic acid'
4 water water
#
_entity_poly.entity_id   1
_entity_poly.type   'polypeptide(L)'
_entity_poly.pdbx_seq_one_letter_code
;MHHHHHHSGLVKMSHPSGDVEACMVQVTCGSMTLNGLWLDNTVWCPRHVMCPADQLSDPNYDALLISMTNHSFSVQKHIG
APANLRVVGHAMQGTLLKLTVDVANPSTPAYTFTTVKPGAAFSVLACYNGRPTGTFTVVMRPNYTIKGSFLCGSCGSVGY
TKEGSVINFCYMHQMELANGTHTGSAFDGTMYGAFMDKQVHQVQLTDKYCSVNVVAWLYAAILNGCAWFVKPNRTSVVSF
NEWALANQFTEFVGTQSVDMLAVKTGVAIEQLLYAIQQLYTGFQGKQILGSTMLEDEFTPEDVNMQIMGVVMQ
;
_entity_poly.pdbx_strand_id   A
#
loop_
_chem_comp.id
_chem_comp.type
_chem_comp.name
_chem_comp.formula
B6Y non-polymer '(1R,2S)-2-{[N-({[1-(tert-butoxycarbonyl)-4-ethylpiperidin-4-yl]oxy}carbonyl)-L-leucyl]amino}-1-hydroxy-3-[(3S)-2-oxopyrrolidin-3-yl]propane-1-sulfonic acid' 'C26 H46 N4 O10 S'
N02 non-polymer '(1S,2S)-2-{[N-({[1-(tert-butoxycarbonyl)-4-ethylpiperidin-4-yl]oxy}carbonyl)-L-leucyl]amino}-1-hydroxy-3-[(3S)-2-oxopyrrolidin-3-yl]propane-1-sulfonic acid' 'C26 H46 N4 O10 S'
#
# COMPACT_ATOMS: atom_id res chain seq x y z
N HIS A 6 -18.91 18.97 12.50
CA HIS A 6 -19.55 17.65 12.20
C HIS A 6 -18.49 16.66 11.76
N HIS A 7 -18.48 15.48 12.38
CA HIS A 7 -17.55 14.42 12.05
C HIS A 7 -18.11 13.54 10.95
N SER A 8 -17.24 13.12 10.03
CA SER A 8 -17.69 12.51 8.78
C SER A 8 -17.86 11.00 8.86
N GLY A 9 -17.47 10.35 9.95
CA GLY A 9 -17.57 8.91 9.96
C GLY A 9 -16.42 8.22 9.29
N LEU A 10 -15.47 8.98 8.75
CA LEU A 10 -14.34 8.44 7.98
C LEU A 10 -13.06 8.42 8.79
N VAL A 11 -12.48 7.22 8.92
CA VAL A 11 -11.21 7.03 9.60
C VAL A 11 -10.33 6.14 8.74
N LYS A 12 -9.04 6.24 8.96
CA LYS A 12 -8.11 5.32 8.34
C LYS A 12 -8.30 3.97 9.00
N MET A 13 -8.90 3.05 8.28
CA MET A 13 -9.35 1.77 8.81
C MET A 13 -8.55 0.66 8.13
N SER A 14 -8.04 -0.28 8.93
CA SER A 14 -7.31 -1.42 8.42
C SER A 14 -8.09 -2.69 8.63
N HIS A 15 -7.79 -3.70 7.83
CA HIS A 15 -8.34 -5.00 8.10
C HIS A 15 -7.87 -5.47 9.46
N PRO A 16 -8.61 -6.39 10.08
CA PRO A 16 -8.08 -7.06 11.25
C PRO A 16 -6.85 -7.89 10.85
N SER A 17 -5.80 -7.85 11.67
CA SER A 17 -4.51 -8.37 11.28
C SER A 17 -4.30 -9.81 11.72
N GLY A 18 -5.28 -10.41 12.37
CA GLY A 18 -5.14 -11.74 12.95
C GLY A 18 -4.55 -12.78 12.04
N ASP A 19 -5.19 -12.96 10.89
CA ASP A 19 -4.85 -14.04 9.97
C ASP A 19 -3.40 -13.93 9.47
N VAL A 20 -2.92 -12.69 9.33
CA VAL A 20 -1.60 -12.42 8.82
C VAL A 20 -0.55 -12.54 9.94
N GLU A 21 -0.85 -12.02 11.12
CA GLU A 21 0.00 -12.23 12.30
C GLU A 21 0.45 -13.67 12.41
N ALA A 22 -0.46 -14.62 12.23
CA ALA A 22 -0.12 -16.05 12.29
C ALA A 22 0.82 -16.52 11.17
N CYS A 23 1.18 -15.65 10.23
CA CYS A 23 2.08 -15.97 9.13
C CYS A 23 3.45 -15.32 9.23
N MET A 24 3.74 -14.56 10.28
CA MET A 24 4.96 -13.76 10.32
C MET A 24 6.03 -14.53 11.07
N VAL A 25 7.26 -14.52 10.53
CA VAL A 25 8.39 -15.19 11.14
C VAL A 25 9.58 -14.25 11.07
N GLN A 26 10.64 -14.64 11.74
CA GLN A 26 11.91 -13.92 11.74
C GLN A 26 12.90 -14.72 10.91
N VAL A 27 13.61 -14.04 10.01
CA VAL A 27 14.63 -14.63 9.14
C VAL A 27 15.95 -13.97 9.44
N THR A 28 16.97 -14.77 9.71
CA THR A 28 18.29 -14.27 10.02
C THR A 28 19.30 -15.00 9.14
N CYS A 29 20.16 -14.26 8.48
CA CYS A 29 21.21 -14.81 7.63
C CYS A 29 22.48 -14.06 8.03
N GLY A 30 23.30 -14.68 8.86
CA GLY A 30 24.47 -13.99 9.39
C GLY A 30 24.19 -12.79 10.28
N SER A 31 24.66 -11.62 9.84
CA SER A 31 24.53 -10.37 10.60
C SER A 31 23.14 -9.77 10.55
N MET A 32 22.34 -10.11 9.55
CA MET A 32 21.15 -9.35 9.20
C MET A 32 19.92 -10.15 9.63
N THR A 33 18.94 -9.45 10.18
CA THR A 33 17.72 -10.05 10.66
C THR A 33 16.55 -9.22 10.15
N LEU A 34 15.50 -9.88 9.67
CA LEU A 34 14.31 -9.15 9.25
C LEU A 34 13.10 -10.10 9.27
N ASN A 35 11.98 -9.64 8.71
CA ASN A 35 10.74 -10.41 8.78
C ASN A 35 10.51 -11.21 7.51
N GLY A 36 9.82 -12.33 7.68
CA GLY A 36 9.35 -13.11 6.54
C GLY A 36 7.88 -13.43 6.66
N LEU A 37 7.34 -13.95 5.56
CA LEU A 37 5.95 -14.33 5.46
C LEU A 37 5.90 -15.82 5.18
N TRP A 38 5.22 -16.58 6.03
CA TRP A 38 5.31 -18.03 6.01
C TRP A 38 3.96 -18.56 5.61
N LEU A 39 3.85 -19.00 4.37
CA LEU A 39 2.64 -19.60 3.83
C LEU A 39 2.97 -20.99 3.31
N ASP A 40 2.11 -21.98 3.59
CA ASP A 40 2.35 -23.35 3.12
C ASP A 40 3.78 -23.73 3.57
N ASN A 41 4.62 -24.28 2.68
CA ASN A 41 6.02 -24.61 2.98
C ASN A 41 7.00 -23.56 2.50
N THR A 42 6.56 -22.35 2.20
CA THR A 42 7.40 -21.28 1.69
C THR A 42 7.50 -20.10 2.65
N VAL A 43 8.71 -19.58 2.84
CA VAL A 43 8.95 -18.33 3.56
C VAL A 43 9.51 -17.32 2.58
N TRP A 44 8.82 -16.18 2.44
CA TRP A 44 9.23 -15.07 1.60
C TRP A 44 9.89 -14.02 2.46
N CYS A 45 10.97 -13.41 1.95
CA CYS A 45 11.59 -12.31 2.68
C CYS A 45 12.42 -11.49 1.71
N PRO A 46 12.80 -10.27 2.07
CA PRO A 46 13.64 -9.47 1.17
C PRO A 46 15.00 -10.10 1.00
N ARG A 47 15.56 -9.91 -0.19
CA ARG A 47 16.81 -10.59 -0.44
C ARG A 47 17.99 -9.92 0.25
N HIS A 48 17.90 -8.62 0.58
CA HIS A 48 19.07 -8.01 1.19
C HIS A 48 19.34 -8.55 2.59
N VAL A 49 18.59 -9.54 3.04
CA VAL A 49 18.99 -10.22 4.25
C VAL A 49 20.29 -11.00 4.02
N MET A 50 20.60 -11.31 2.77
CA MET A 50 21.83 -12.01 2.43
C MET A 50 23.04 -11.10 2.44
N CYS A 51 22.85 -9.79 2.61
CA CYS A 51 23.94 -8.86 2.37
C CYS A 51 24.54 -8.39 3.68
N PRO A 52 25.88 -8.29 3.78
CA PRO A 52 26.52 -7.72 4.98
C PRO A 52 26.26 -6.22 5.14
N GLN A 55 27.81 -3.25 4.11
CA GLN A 55 28.08 -2.95 2.71
C GLN A 55 26.94 -3.38 1.77
N LEU A 56 25.81 -2.68 1.84
CA LEU A 56 24.62 -2.96 1.05
C LEU A 56 24.50 -2.08 -0.21
N SER A 57 25.58 -1.42 -0.64
CA SER A 57 25.57 -0.61 -1.85
C SER A 57 26.19 -1.41 -2.99
N ASP A 58 25.54 -1.41 -4.15
CA ASP A 58 25.93 -2.20 -5.31
C ASP A 58 26.39 -3.60 -4.88
N PRO A 59 25.51 -4.39 -4.26
CA PRO A 59 25.85 -5.78 -3.93
C PRO A 59 25.39 -6.74 -5.02
N ASN A 60 26.09 -7.86 -5.14
CA ASN A 60 25.82 -8.84 -6.18
C ASN A 60 24.98 -9.96 -5.57
N TYR A 61 23.66 -9.82 -5.70
CA TYR A 61 22.77 -10.80 -5.09
C TYR A 61 22.90 -12.15 -5.75
N ASP A 62 23.20 -12.18 -7.04
CA ASP A 62 23.43 -13.44 -7.73
C ASP A 62 24.63 -14.18 -7.10
N ALA A 63 25.73 -13.49 -6.88
CA ALA A 63 26.86 -14.13 -6.21
C ALA A 63 26.52 -14.48 -4.76
N LEU A 64 25.93 -13.53 -4.03
CA LEU A 64 25.46 -13.82 -2.68
C LEU A 64 24.58 -15.08 -2.68
N LEU A 65 23.62 -15.16 -3.57
CA LEU A 65 22.72 -16.29 -3.55
C LEU A 65 23.48 -17.61 -3.59
N ILE A 66 24.39 -17.73 -4.56
CA ILE A 66 25.13 -18.97 -4.75
C ILE A 66 26.02 -19.25 -3.55
N SER A 67 26.60 -18.20 -2.98
CA SER A 67 27.37 -18.36 -1.75
C SER A 67 26.60 -19.01 -0.63
N MET A 68 25.27 -19.06 -0.71
CA MET A 68 24.42 -19.53 0.39
C MET A 68 24.06 -20.99 0.20
N THR A 69 23.96 -21.70 1.32
CA THR A 69 23.33 -23.00 1.38
C THR A 69 22.10 -22.92 2.27
N ASN A 70 21.35 -24.04 2.33
CA ASN A 70 20.16 -24.06 3.16
C ASN A 70 20.47 -23.71 4.61
N HIS A 71 21.67 -24.05 5.10
CA HIS A 71 22.03 -23.79 6.50
C HIS A 71 22.51 -22.36 6.72
N SER A 72 22.56 -21.54 5.66
CA SER A 72 22.81 -20.12 5.86
C SER A 72 21.60 -19.40 6.46
N PHE A 73 20.39 -19.97 6.41
CA PHE A 73 19.16 -19.26 6.75
C PHE A 73 18.53 -19.86 8.01
N SER A 74 18.23 -18.99 8.96
CA SER A 74 17.55 -19.36 10.20
C SER A 74 16.19 -18.65 10.27
N VAL A 75 15.13 -19.42 10.52
CA VAL A 75 13.75 -18.94 10.52
C VAL A 75 13.07 -19.37 11.81
N GLN A 76 12.66 -18.38 12.61
CA GLN A 76 12.01 -18.61 13.90
C GLN A 76 10.62 -18.03 13.87
N LYS A 77 9.65 -18.80 14.35
CA LYS A 77 8.33 -18.28 14.67
C LYS A 77 8.32 -17.95 16.15
N HIS A 78 7.96 -16.70 16.48
CA HIS A 78 7.77 -16.26 17.86
C HIS A 78 6.30 -16.15 18.26
N ILE A 79 5.43 -15.69 17.36
CA ILE A 79 4.02 -15.48 17.67
C ILE A 79 3.28 -16.81 17.78
N ALA A 83 8.85 -21.40 17.63
CA ALA A 83 9.19 -22.52 16.75
C ALA A 83 10.48 -22.25 15.95
N ASN A 84 11.01 -23.28 15.32
CA ASN A 84 12.12 -23.11 14.42
C ASN A 84 11.83 -23.92 13.18
N LEU A 85 11.93 -23.30 12.02
CA LEU A 85 11.65 -23.98 10.76
C LEU A 85 12.95 -24.37 10.07
N ARG A 86 13.06 -25.63 9.71
CA ARG A 86 14.21 -26.10 8.95
C ARG A 86 14.09 -25.65 7.50
N VAL A 87 15.13 -25.01 6.98
CA VAL A 87 15.16 -24.59 5.58
C VAL A 87 15.65 -25.75 4.73
N VAL A 88 14.83 -26.17 3.78
CA VAL A 88 15.19 -27.23 2.84
C VAL A 88 15.22 -26.75 1.42
N GLY A 89 15.14 -25.44 1.20
CA GLY A 89 15.24 -24.92 -0.15
C GLY A 89 15.55 -23.44 -0.09
N HIS A 90 16.11 -22.92 -1.19
CA HIS A 90 16.25 -21.49 -1.26
C HIS A 90 16.39 -21.08 -2.71
N ALA A 91 15.73 -19.97 -3.04
CA ALA A 91 15.69 -19.48 -4.40
C ALA A 91 15.43 -17.98 -4.33
N MET A 92 15.81 -17.26 -5.39
CA MET A 92 15.63 -15.82 -5.44
C MET A 92 14.71 -15.45 -6.59
N GLN A 93 13.70 -14.61 -6.33
CA GLN A 93 12.81 -14.11 -7.37
C GLN A 93 12.71 -12.59 -7.31
N GLY A 94 13.38 -11.94 -8.25
CA GLY A 94 13.54 -10.50 -8.18
C GLY A 94 14.18 -10.14 -6.87
N THR A 95 13.50 -9.31 -6.10
CA THR A 95 14.05 -8.74 -4.87
C THR A 95 13.66 -9.54 -3.63
N LEU A 96 13.09 -10.72 -3.81
CA LEU A 96 12.71 -11.59 -2.72
C LEU A 96 13.45 -12.90 -2.76
N LEU A 97 13.70 -13.44 -1.57
CA LEU A 97 14.00 -14.84 -1.39
C LEU A 97 12.73 -15.63 -1.20
N LYS A 98 12.79 -16.87 -1.65
CA LYS A 98 11.72 -17.83 -1.55
C LYS A 98 12.36 -19.03 -0.86
N LEU A 99 12.28 -19.09 0.45
CA LEU A 99 12.81 -20.21 1.22
C LEU A 99 11.76 -21.30 1.35
N THR A 100 12.17 -22.54 1.21
CA THR A 100 11.30 -23.68 1.43
C THR A 100 11.65 -24.27 2.79
N VAL A 101 10.63 -24.55 3.62
CA VAL A 101 10.89 -25.10 4.94
C VAL A 101 10.15 -26.42 5.05
N ASP A 102 10.55 -27.22 6.05
CA ASP A 102 10.10 -28.61 6.12
C ASP A 102 8.66 -28.72 6.59
N VAL A 103 8.16 -27.75 7.35
CA VAL A 103 6.79 -27.80 7.85
C VAL A 103 5.97 -26.71 7.16
N ALA A 104 4.73 -27.06 6.83
CA ALA A 104 3.78 -26.12 6.29
C ALA A 104 3.03 -25.40 7.42
N ASN A 105 2.86 -24.09 7.27
CA ASN A 105 2.16 -23.27 8.23
C ASN A 105 0.72 -23.71 8.40
N PRO A 106 0.35 -24.35 9.52
CA PRO A 106 -1.05 -24.80 9.67
C PRO A 106 -2.04 -23.67 9.84
N SER A 107 -1.57 -22.45 10.04
CA SER A 107 -2.43 -21.29 10.06
C SER A 107 -2.48 -20.58 8.72
N THR A 108 -2.05 -21.22 7.65
CA THR A 108 -2.03 -20.58 6.36
C THR A 108 -3.42 -20.16 5.94
N PRO A 109 -3.67 -18.88 5.67
CA PRO A 109 -4.99 -18.47 5.20
C PRO A 109 -5.21 -18.87 3.76
N ALA A 110 -6.46 -18.80 3.34
CA ALA A 110 -6.76 -18.71 1.93
C ALA A 110 -6.14 -17.42 1.43
N TYR A 111 -5.38 -17.48 0.34
CA TYR A 111 -4.66 -16.29 -0.09
C TYR A 111 -4.37 -16.27 -1.57
N THR A 112 -4.16 -15.05 -2.06
CA THR A 112 -3.61 -14.82 -3.39
C THR A 112 -2.51 -13.77 -3.27
N PHE A 113 -1.79 -13.60 -4.36
CA PHE A 113 -0.86 -12.50 -4.52
C PHE A 113 -1.46 -11.55 -5.52
N THR A 114 -1.24 -10.27 -5.31
CA THR A 114 -1.69 -9.32 -6.31
C THR A 114 -0.81 -8.07 -6.30
N THR A 115 -1.07 -7.19 -7.28
CA THR A 115 -0.38 -5.93 -7.43
C THR A 115 -1.34 -4.78 -7.18
N VAL A 116 -0.99 -3.86 -6.31
CA VAL A 116 -1.89 -2.76 -6.06
C VAL A 116 -1.50 -1.60 -6.96
N LYS A 117 -2.52 -0.81 -7.29
CA LYS A 117 -2.37 0.28 -8.23
C LYS A 117 -2.46 1.63 -7.55
N PRO A 118 -1.92 2.65 -8.17
CA PRO A 118 -1.95 3.97 -7.55
C PRO A 118 -3.36 4.37 -7.23
N GLY A 119 -3.53 4.92 -6.02
CA GLY A 119 -4.82 5.27 -5.49
C GLY A 119 -5.49 4.18 -4.68
N ALA A 120 -5.09 2.93 -4.88
CA ALA A 120 -5.67 1.85 -4.10
C ALA A 120 -5.10 1.80 -2.69
N ALA A 121 -5.94 1.38 -1.76
CA ALA A 121 -5.65 1.31 -0.34
C ALA A 121 -5.24 -0.10 0.06
N PHE A 122 -4.39 -0.20 1.07
CA PHE A 122 -4.17 -1.53 1.63
C PHE A 122 -3.65 -1.43 3.05
N SER A 123 -3.75 -2.55 3.74
CA SER A 123 -3.39 -2.63 5.14
C SER A 123 -1.97 -3.17 5.26
N VAL A 124 -1.21 -2.60 6.20
CA VAL A 124 0.15 -3.02 6.45
C VAL A 124 0.26 -3.51 7.88
N LEU A 125 0.88 -4.67 8.07
CA LEU A 125 1.21 -5.19 9.36
C LEU A 125 2.70 -4.96 9.59
N ALA A 126 3.03 -3.99 10.43
CA ALA A 126 4.43 -3.64 10.70
C ALA A 126 4.97 -4.54 11.78
N CYS A 127 6.17 -5.10 11.54
CA CYS A 127 6.75 -6.11 12.41
C CYS A 127 8.25 -5.83 12.61
N TYR A 128 8.76 -6.20 13.80
CA TYR A 128 10.18 -6.18 14.12
C TYR A 128 10.58 -7.52 14.71
N ASN A 129 11.68 -8.09 14.21
CA ASN A 129 12.14 -9.38 14.70
C ASN A 129 11.06 -10.44 14.56
N GLY A 130 10.23 -10.35 13.54
CA GLY A 130 9.16 -11.32 13.41
C GLY A 130 8.01 -11.16 14.38
N ARG A 131 7.98 -10.08 15.12
CA ARG A 131 6.93 -9.83 16.09
C ARG A 131 6.02 -8.72 15.57
N PRO A 132 4.77 -9.01 15.24
CA PRO A 132 3.81 -7.96 14.90
C PRO A 132 3.72 -6.87 15.95
N THR A 133 3.77 -5.61 15.50
CA THR A 133 3.79 -4.48 16.41
C THR A 133 2.76 -3.39 16.11
N GLY A 134 2.27 -3.28 14.89
CA GLY A 134 1.31 -2.24 14.61
C GLY A 134 0.65 -2.46 13.27
N THR A 135 -0.59 -1.97 13.08
CA THR A 135 -1.19 -2.00 11.76
C THR A 135 -1.71 -0.63 11.38
N PHE A 136 -1.60 -0.34 10.08
CA PHE A 136 -2.04 0.93 9.52
C PHE A 136 -2.42 0.72 8.05
N THR A 137 -3.01 1.74 7.44
CA THR A 137 -3.47 1.61 6.07
C THR A 137 -3.03 2.80 5.26
N VAL A 138 -2.64 2.51 4.02
CA VAL A 138 -2.04 3.48 3.12
C VAL A 138 -2.69 3.31 1.75
N VAL A 139 -2.52 4.36 0.95
CA VAL A 139 -2.79 4.37 -0.48
C VAL A 139 -1.45 4.35 -1.20
N MET A 140 -1.32 3.48 -2.19
CA MET A 140 -0.17 3.52 -3.11
C MET A 140 -0.19 4.84 -3.84
N ARG A 141 0.86 5.64 -3.68
CA ARG A 141 0.89 6.92 -4.31
C ARG A 141 1.15 6.78 -5.81
N PRO A 142 0.90 7.84 -6.58
CA PRO A 142 1.21 7.81 -8.02
C PRO A 142 2.70 7.64 -8.37
N ASN A 143 3.65 7.95 -7.50
CA ASN A 143 5.04 7.68 -7.75
C ASN A 143 5.49 6.36 -7.16
N TYR A 144 4.53 5.53 -6.75
CA TYR A 144 4.77 4.16 -6.26
C TYR A 144 5.58 4.12 -4.97
N THR A 145 5.31 5.09 -4.10
CA THR A 145 5.74 5.06 -2.71
C THR A 145 4.51 4.96 -1.82
N ILE A 146 4.73 4.73 -0.52
CA ILE A 146 3.67 4.90 0.46
C ILE A 146 4.17 5.76 1.62
N LYS A 147 3.22 6.45 2.23
CA LYS A 147 3.46 7.29 3.40
C LYS A 147 3.21 6.45 4.65
N GLY A 148 4.17 5.60 4.95
CA GLY A 148 4.05 4.66 6.01
C GLY A 148 4.79 5.09 7.25
N SER A 149 5.07 4.13 8.12
CA SER A 149 5.71 4.35 9.42
C SER A 149 6.53 3.09 9.66
N PHE A 150 7.80 3.17 9.23
CA PHE A 150 8.70 2.02 9.23
C PHE A 150 10.03 2.46 9.83
N LEU A 151 10.60 1.61 10.68
CA LEU A 151 11.94 1.83 11.25
C LEU A 151 12.93 0.72 10.85
N CYS A 152 14.19 0.91 11.25
CA CYS A 152 15.18 -0.13 11.06
C CYS A 152 14.64 -1.43 11.62
N GLY A 153 14.81 -2.50 10.86
CA GLY A 153 14.29 -3.80 11.25
C GLY A 153 12.89 -4.13 10.78
N SER A 154 12.21 -3.19 10.13
CA SER A 154 10.84 -3.35 9.64
C SER A 154 10.74 -4.05 8.28
N CYS A 155 11.86 -4.22 7.58
CA CYS A 155 11.83 -4.88 6.26
C CYS A 155 11.27 -6.27 6.36
N GLY A 156 10.48 -6.63 5.37
CA GLY A 156 9.72 -7.85 5.43
C GLY A 156 8.31 -7.71 5.96
N SER A 157 7.93 -6.56 6.52
CA SER A 157 6.52 -6.37 6.88
C SER A 157 5.73 -6.44 5.59
N VAL A 158 4.43 -6.78 5.71
CA VAL A 158 3.63 -7.09 4.53
C VAL A 158 2.41 -6.19 4.49
N GLY A 159 1.96 -5.90 3.28
CA GLY A 159 0.73 -5.20 3.06
C GLY A 159 -0.17 -6.13 2.25
N TYR A 160 -1.47 -5.97 2.43
CA TYR A 160 -2.42 -6.94 1.93
C TYR A 160 -3.80 -6.29 1.91
N THR A 161 -4.63 -6.76 0.98
CA THR A 161 -6.05 -6.49 0.97
C THR A 161 -6.78 -7.79 1.27
N LYS A 162 -8.09 -7.70 1.45
CA LYS A 162 -8.89 -8.85 1.86
C LYS A 162 -10.20 -8.84 1.09
N GLU A 163 -10.49 -9.93 0.40
CA GLU A 163 -11.79 -10.16 -0.22
C GLU A 163 -12.40 -11.37 0.46
N GLY A 164 -13.53 -11.15 1.13
CA GLY A 164 -14.12 -12.22 1.91
C GLY A 164 -13.09 -12.72 2.88
N SER A 165 -12.93 -14.03 2.92
CA SER A 165 -11.92 -14.64 3.76
C SER A 165 -10.54 -14.72 3.12
N VAL A 166 -10.39 -14.30 1.86
CA VAL A 166 -9.13 -14.48 1.12
C VAL A 166 -8.24 -13.25 1.29
N ILE A 167 -7.01 -13.49 1.69
CA ILE A 167 -6.04 -12.43 1.82
C ILE A 167 -5.26 -12.27 0.52
N ASN A 168 -5.15 -11.03 0.04
CA ASN A 168 -4.44 -10.68 -1.19
C ASN A 168 -3.17 -9.94 -0.82
N PHE A 169 -2.09 -10.68 -0.69
CA PHE A 169 -0.80 -10.08 -0.37
C PHE A 169 -0.31 -9.25 -1.54
N CYS A 170 0.06 -8.00 -1.27
CA CYS A 170 0.46 -7.10 -2.34
C CYS A 170 1.78 -6.35 -2.09
N TYR A 171 2.43 -6.51 -0.94
CA TYR A 171 3.53 -5.63 -0.63
C TYR A 171 4.40 -6.27 0.42
N MET A 172 5.73 -6.23 0.17
CA MET A 172 6.70 -6.63 1.16
C MET A 172 7.71 -5.50 1.29
N HIS A 173 7.85 -4.97 2.49
CA HIS A 173 8.53 -3.70 2.69
C HIS A 173 10.06 -3.81 2.52
N GLN A 174 10.67 -2.80 1.86
CA GLN A 174 12.09 -2.82 1.48
C GLN A 174 12.86 -1.55 1.82
N MET A 175 12.26 -0.37 1.71
CA MET A 175 13.11 0.79 1.88
C MET A 175 12.37 2.05 2.23
N GLU A 176 13.17 2.99 2.78
CA GLU A 176 12.80 4.38 3.01
C GLU A 176 13.59 5.28 2.08
N LEU A 177 12.87 6.13 1.37
CA LEU A 177 13.43 7.11 0.47
C LEU A 177 13.71 8.42 1.20
N ALA A 178 14.55 9.26 0.60
CA ALA A 178 15.03 10.45 1.30
C ALA A 178 13.90 11.31 1.80
N ASN A 179 12.76 11.36 1.08
CA ASN A 179 11.69 12.24 1.50
C ASN A 179 10.82 11.62 2.58
N GLY A 180 11.25 10.48 3.14
CA GLY A 180 10.57 9.87 4.27
C GLY A 180 9.46 8.90 3.91
N THR A 181 9.15 8.75 2.62
CA THR A 181 8.22 7.73 2.18
C THR A 181 8.93 6.40 2.01
N HIS A 182 8.16 5.38 1.62
CA HIS A 182 8.59 4.00 1.69
C HIS A 182 8.20 3.27 0.42
N THR A 183 8.99 2.26 0.04
CA THR A 183 8.55 1.37 -1.00
C THR A 183 9.02 -0.05 -0.71
N GLY A 184 8.54 -0.95 -1.52
CA GLY A 184 8.80 -2.35 -1.32
C GLY A 184 8.46 -3.03 -2.62
N SER A 185 8.32 -4.35 -2.57
CA SER A 185 8.04 -5.10 -3.76
C SER A 185 6.70 -5.83 -3.70
N ALA A 186 6.23 -6.21 -4.88
CA ALA A 186 5.17 -7.19 -5.03
C ALA A 186 5.73 -8.59 -4.87
N PHE A 187 4.85 -9.57 -4.79
CA PHE A 187 5.32 -10.93 -4.51
C PHE A 187 5.67 -11.69 -5.76
N ASP A 188 5.67 -11.02 -6.91
CA ASP A 188 6.47 -11.47 -8.05
C ASP A 188 7.91 -10.99 -7.95
N GLY A 189 8.28 -10.28 -6.90
CA GLY A 189 9.66 -9.85 -6.73
C GLY A 189 10.02 -8.54 -7.38
N THR A 190 9.12 -7.95 -8.16
CA THR A 190 9.36 -6.64 -8.76
C THR A 190 9.17 -5.60 -7.69
N MET A 191 10.00 -4.55 -7.71
CA MET A 191 9.76 -3.38 -6.88
C MET A 191 8.67 -2.53 -7.50
N TYR A 192 7.86 -1.92 -6.65
CA TYR A 192 6.95 -0.87 -7.09
C TYR A 192 7.75 0.31 -7.60
N GLY A 193 7.30 0.89 -8.70
CA GLY A 193 8.07 1.97 -9.28
C GLY A 193 9.40 1.52 -9.91
N ALA A 194 10.26 2.50 -10.15
CA ALA A 194 11.56 2.25 -10.75
C ALA A 194 12.65 2.04 -9.71
N PHE A 195 12.28 1.68 -8.50
CA PHE A 195 13.26 1.65 -7.43
C PHE A 195 14.06 0.36 -7.47
N MET A 196 15.20 0.39 -6.80
CA MET A 196 16.09 -0.76 -6.67
C MET A 196 16.46 -0.98 -5.21
N ASP A 197 16.62 -2.24 -4.82
CA ASP A 197 16.95 -2.56 -3.43
C ASP A 197 18.47 -2.58 -3.20
N LYS A 198 19.06 -1.39 -3.38
CA LYS A 198 20.46 -1.16 -3.07
C LYS A 198 20.53 0.16 -2.34
N GLN A 199 21.52 0.29 -1.46
CA GLN A 199 21.67 1.48 -0.63
C GLN A 199 22.37 2.57 -1.43
N VAL A 200 21.67 3.04 -2.48
CA VAL A 200 22.18 4.02 -3.43
C VAL A 200 21.18 5.16 -3.59
N HIS A 201 21.66 6.30 -4.08
CA HIS A 201 20.78 7.43 -4.37
C HIS A 201 19.84 7.04 -5.51
N GLN A 202 18.56 7.35 -5.34
CA GLN A 202 17.58 7.09 -6.38
C GLN A 202 16.71 8.31 -6.54
N VAL A 203 16.37 8.65 -7.79
CA VAL A 203 15.45 9.72 -8.06
C VAL A 203 14.03 9.25 -7.74
N GLN A 204 13.35 9.98 -6.86
CA GLN A 204 11.93 9.75 -6.64
C GLN A 204 11.15 10.52 -7.69
N LEU A 205 10.11 9.89 -8.21
CA LEU A 205 9.28 10.62 -9.15
C LEU A 205 8.38 11.58 -8.41
N THR A 206 7.68 12.41 -9.17
CA THR A 206 6.76 13.34 -8.57
C THR A 206 5.46 12.66 -8.18
N ASP A 207 4.96 13.02 -7.02
CA ASP A 207 3.64 12.59 -6.63
C ASP A 207 2.61 13.46 -7.35
N LYS A 208 1.36 12.99 -7.32
CA LYS A 208 0.21 13.66 -7.90
C LYS A 208 -0.94 13.47 -6.93
N TYR A 209 -1.88 14.41 -6.90
CA TYR A 209 -3.17 14.14 -6.28
C TYR A 209 -3.87 13.01 -7.01
N CYS A 210 -4.52 12.12 -6.26
CA CYS A 210 -5.30 11.03 -6.84
CA CYS A 210 -5.30 11.04 -6.87
C CYS A 210 -6.73 11.52 -6.98
N SER A 211 -7.11 11.85 -8.23
CA SER A 211 -8.37 12.50 -8.57
C SER A 211 -9.56 11.66 -8.16
N VAL A 212 -9.54 10.38 -8.50
CA VAL A 212 -10.65 9.52 -8.12
C VAL A 212 -10.89 9.62 -6.61
N ASN A 213 -9.80 9.71 -5.80
CA ASN A 213 -9.96 9.77 -4.35
C ASN A 213 -10.37 11.14 -3.87
N VAL A 214 -9.91 12.22 -4.51
CA VAL A 214 -10.45 13.52 -4.11
C VAL A 214 -11.96 13.57 -4.40
N VAL A 215 -12.41 12.93 -5.48
CA VAL A 215 -13.83 12.88 -5.78
C VAL A 215 -14.56 12.08 -4.73
N ALA A 216 -14.01 10.95 -4.34
CA ALA A 216 -14.63 10.17 -3.28
C ALA A 216 -14.83 11.00 -2.01
N TRP A 217 -13.87 11.87 -1.72
CA TRP A 217 -13.87 12.67 -0.51
C TRP A 217 -14.93 13.77 -0.58
N LEU A 218 -14.97 14.51 -1.69
CA LEU A 218 -16.05 15.45 -1.89
C LEU A 218 -17.40 14.78 -1.78
N TYR A 219 -17.51 13.54 -2.22
CA TYR A 219 -18.81 12.90 -2.07
C TYR A 219 -19.09 12.58 -0.61
N ALA A 220 -18.03 12.32 0.18
CA ALA A 220 -18.17 12.03 1.60
C ALA A 220 -18.63 13.26 2.36
N ALA A 221 -18.06 14.40 2.03
CA ALA A 221 -18.58 15.67 2.51
C ALA A 221 -20.08 15.79 2.26
N ILE A 222 -20.50 15.56 1.00
CA ILE A 222 -21.92 15.65 0.64
C ILE A 222 -22.75 14.70 1.48
N LEU A 223 -22.27 13.49 1.68
CA LEU A 223 -23.05 12.56 2.48
C LEU A 223 -23.09 12.94 3.93
N ASN A 224 -22.37 13.99 4.31
CA ASN A 224 -22.38 14.53 5.67
C ASN A 224 -23.01 15.91 5.76
N GLY A 225 -23.63 16.40 4.68
CA GLY A 225 -24.33 17.67 4.69
C GLY A 225 -23.51 18.84 4.20
N CYS A 226 -22.27 18.62 3.81
CA CYS A 226 -21.32 19.68 3.44
C CYS A 226 -21.24 19.71 1.93
N ALA A 227 -21.78 20.77 1.32
CA ALA A 227 -21.96 20.77 -0.13
C ALA A 227 -21.93 22.17 -0.72
N TRP A 228 -21.39 23.15 0.00
CA TRP A 228 -21.26 24.50 -0.54
C TRP A 228 -20.48 24.54 -1.85
N PHE A 229 -19.58 23.61 -2.08
CA PHE A 229 -18.72 23.61 -3.26
C PHE A 229 -19.40 23.06 -4.50
N VAL A 230 -20.59 22.51 -4.36
CA VAL A 230 -21.31 21.95 -5.50
C VAL A 230 -22.00 23.09 -6.25
N LYS A 231 -21.57 23.38 -7.45
CA LYS A 231 -22.33 24.23 -8.35
C LYS A 231 -22.98 23.39 -9.46
N PRO A 232 -23.87 24.01 -10.24
CA PRO A 232 -24.45 23.30 -11.38
C PRO A 232 -23.46 23.05 -12.48
N ASN A 233 -22.37 23.82 -12.53
CA ASN A 233 -21.35 23.72 -13.57
C ASN A 233 -20.77 22.32 -13.62
N ARG A 234 -20.00 22.07 -14.67
CA ARG A 234 -19.58 20.73 -15.01
C ARG A 234 -18.33 20.81 -15.86
N THR A 235 -17.47 19.82 -15.68
CA THR A 235 -16.34 19.59 -16.54
C THR A 235 -16.42 18.14 -16.98
N SER A 236 -16.14 17.90 -18.26
CA SER A 236 -16.15 16.54 -18.75
C SER A 236 -14.91 15.82 -18.22
N VAL A 237 -14.99 14.50 -18.12
CA VAL A 237 -13.81 13.74 -17.73
C VAL A 237 -12.65 14.09 -18.64
N VAL A 238 -12.90 14.09 -19.95
CA VAL A 238 -11.83 14.34 -20.91
C VAL A 238 -11.24 15.72 -20.67
N SER A 239 -12.11 16.71 -20.54
CA SER A 239 -11.62 18.06 -20.31
C SER A 239 -10.87 18.13 -18.99
N PHE A 240 -11.39 17.48 -17.96
CA PHE A 240 -10.65 17.43 -16.70
C PHE A 240 -9.32 16.72 -16.85
N ASN A 241 -9.29 15.61 -17.57
CA ASN A 241 -8.04 14.86 -17.64
C ASN A 241 -6.96 15.63 -18.36
N GLU A 242 -7.35 16.51 -19.27
CA GLU A 242 -6.35 17.39 -19.84
C GLU A 242 -5.95 18.49 -18.87
N TRP A 243 -6.87 18.95 -18.02
CA TRP A 243 -6.48 19.85 -16.93
C TRP A 243 -5.50 19.18 -16.00
N ALA A 244 -5.81 17.94 -15.64
CA ALA A 244 -5.03 17.23 -14.62
C ALA A 244 -3.58 17.12 -15.03
N LEU A 245 -3.32 16.80 -16.30
CA LEU A 245 -1.96 16.59 -16.73
C LEU A 245 -1.09 17.84 -16.59
N ALA A 246 -1.70 19.01 -16.58
CA ALA A 246 -0.96 20.24 -16.36
C ALA A 246 -0.88 20.63 -14.89
N ASN A 247 -1.53 19.87 -13.98
CA ASN A 247 -1.72 20.37 -12.62
C ASN A 247 -1.44 19.34 -11.53
N GLN A 248 -0.60 18.34 -11.80
CA GLN A 248 -0.18 17.39 -10.76
C GLN A 248 -1.36 16.63 -10.16
N PHE A 249 -2.43 16.46 -10.92
CA PHE A 249 -3.48 15.52 -10.59
C PHE A 249 -3.38 14.32 -11.53
N THR A 250 -3.74 13.15 -11.03
CA THR A 250 -3.89 12.01 -11.90
C THR A 250 -5.07 12.23 -12.82
N GLU A 251 -5.04 11.58 -13.97
CA GLU A 251 -6.23 11.49 -14.78
C GLU A 251 -7.24 10.64 -14.02
N PHE A 252 -8.51 10.96 -14.21
CA PHE A 252 -9.62 10.36 -13.51
C PHE A 252 -10.21 9.24 -14.36
N VAL A 253 -10.48 8.10 -13.73
CA VAL A 253 -11.14 6.97 -14.35
C VAL A 253 -12.25 6.56 -13.41
N GLY A 254 -13.49 6.59 -13.87
CA GLY A 254 -14.59 6.31 -12.99
C GLY A 254 -14.71 4.82 -12.71
N THR A 255 -15.47 4.46 -11.66
CA THR A 255 -15.68 3.06 -11.33
C THR A 255 -17.13 2.88 -10.91
N GLN A 256 -17.58 1.64 -10.80
CA GLN A 256 -18.94 1.45 -10.30
C GLN A 256 -19.09 2.00 -8.89
N SER A 257 -18.01 1.95 -8.11
CA SER A 257 -18.07 2.45 -6.74
C SER A 257 -18.28 3.95 -6.71
N VAL A 258 -17.58 4.68 -7.60
CA VAL A 258 -17.86 6.10 -7.73
C VAL A 258 -19.24 6.30 -8.30
N ASP A 259 -19.73 5.36 -9.11
CA ASP A 259 -21.07 5.53 -9.65
C ASP A 259 -22.12 5.46 -8.56
N MET A 260 -22.00 4.49 -7.65
CA MET A 260 -22.93 4.40 -6.50
C MET A 260 -23.01 5.70 -5.76
N LEU A 261 -21.87 6.35 -5.55
CA LEU A 261 -21.88 7.60 -4.81
C LEU A 261 -22.62 8.67 -5.58
N ALA A 262 -22.45 8.71 -6.89
CA ALA A 262 -23.18 9.70 -7.67
C ALA A 262 -24.67 9.44 -7.62
N VAL A 263 -25.05 8.16 -7.56
CA VAL A 263 -26.48 7.83 -7.46
C VAL A 263 -27.02 8.22 -6.09
N LYS A 264 -26.33 7.79 -5.01
CA LYS A 264 -26.89 8.02 -3.69
C LYS A 264 -27.08 9.51 -3.42
N THR A 265 -26.18 10.36 -3.89
CA THR A 265 -26.25 11.78 -3.59
C THR A 265 -26.91 12.60 -4.68
N GLY A 266 -27.06 12.06 -5.86
CA GLY A 266 -27.57 12.88 -6.94
C GLY A 266 -26.66 13.98 -7.38
N VAL A 267 -25.35 13.87 -7.14
CA VAL A 267 -24.39 14.81 -7.71
C VAL A 267 -23.54 14.08 -8.76
N ALA A 268 -23.35 14.72 -9.91
CA ALA A 268 -22.66 14.10 -11.03
C ALA A 268 -21.16 14.25 -10.88
N ILE A 269 -20.45 13.20 -11.29
CA ILE A 269 -19.00 13.23 -11.28
C ILE A 269 -18.53 14.56 -11.82
N GLU A 270 -19.11 14.94 -12.94
CA GLU A 270 -18.64 16.11 -13.65
C GLU A 270 -18.83 17.39 -12.84
N GLN A 271 -19.83 17.43 -11.96
CA GLN A 271 -20.01 18.57 -11.07
C GLN A 271 -18.84 18.70 -10.10
N LEU A 272 -18.35 17.58 -9.57
CA LEU A 272 -17.20 17.60 -8.66
C LEU A 272 -15.88 17.77 -9.39
N LEU A 273 -15.73 17.23 -10.60
CA LEU A 273 -14.52 17.52 -11.37
C LEU A 273 -14.34 19.02 -11.52
N TYR A 274 -15.39 19.72 -11.93
CA TYR A 274 -15.36 21.19 -11.93
C TYR A 274 -14.99 21.75 -10.56
N ALA A 275 -15.66 21.28 -9.51
CA ALA A 275 -15.31 21.73 -8.16
C ALA A 275 -13.82 21.61 -7.89
N ILE A 276 -13.24 20.42 -8.11
CA ILE A 276 -11.81 20.23 -7.89
C ILE A 276 -11.04 21.34 -8.58
N GLN A 277 -11.44 21.66 -9.80
CA GLN A 277 -10.71 22.64 -10.59
C GLN A 277 -10.67 23.99 -9.90
N GLN A 278 -11.80 24.38 -9.28
CA GLN A 278 -11.90 25.64 -8.54
C GLN A 278 -11.19 25.58 -7.19
N LEU A 279 -11.50 24.54 -6.40
CA LEU A 279 -10.86 24.36 -5.10
C LEU A 279 -9.32 24.30 -5.18
N TYR A 280 -8.77 23.73 -6.26
CA TYR A 280 -7.32 23.60 -6.34
C TYR A 280 -6.65 24.97 -6.15
N THR A 281 -7.23 26.01 -6.74
CA THR A 281 -6.66 27.35 -6.64
C THR A 281 -6.77 27.90 -5.22
N GLY A 282 -7.94 27.75 -4.61
CA GLY A 282 -8.08 28.13 -3.21
C GLY A 282 -9.42 27.75 -2.63
N PHE A 283 -9.45 27.39 -1.35
CA PHE A 283 -10.72 27.15 -0.69
C PHE A 283 -11.44 28.46 -0.34
N GLN A 284 -10.71 29.57 -0.25
CA GLN A 284 -11.31 30.87 0.07
C GLN A 284 -11.73 30.92 1.54
N GLY A 285 -10.84 30.44 2.40
CA GLY A 285 -11.10 30.38 3.82
C GLY A 285 -12.27 29.51 4.26
N LYS A 286 -12.76 28.59 3.43
CA LYS A 286 -13.77 27.65 3.86
C LYS A 286 -13.14 26.31 4.21
N GLN A 287 -13.92 25.48 4.86
CA GLN A 287 -13.49 24.17 5.28
C GLN A 287 -14.28 23.11 4.53
N ILE A 288 -13.66 21.97 4.29
CA ILE A 288 -14.36 20.79 3.79
C ILE A 288 -14.00 19.65 4.73
N LEU A 289 -15.00 19.14 5.45
CA LEU A 289 -14.84 18.03 6.39
C LEU A 289 -13.69 18.31 7.34
N GLY A 290 -13.57 19.57 7.74
CA GLY A 290 -12.54 19.95 8.69
C GLY A 290 -11.14 20.02 8.11
N SER A 291 -11.03 20.06 6.79
CA SER A 291 -9.75 20.27 6.12
C SER A 291 -9.90 21.50 5.26
N THR A 292 -8.76 22.06 4.90
CA THR A 292 -8.73 23.22 4.02
C THR A 292 -7.89 22.94 2.78
N MET A 293 -7.55 21.67 2.55
CA MET A 293 -6.89 21.23 1.35
C MET A 293 -7.59 19.95 0.89
N LEU A 294 -7.45 19.66 -0.39
CA LEU A 294 -8.05 18.46 -0.93
C LEU A 294 -7.42 17.21 -0.34
N GLU A 295 -8.25 16.22 -0.05
CA GLU A 295 -7.86 14.98 0.62
C GLU A 295 -8.01 13.85 -0.39
N ASP A 296 -6.95 13.04 -0.56
CA ASP A 296 -6.99 11.97 -1.56
C ASP A 296 -6.59 10.63 -0.95
N GLU A 297 -6.70 10.50 0.37
CA GLU A 297 -6.24 9.31 1.05
C GLU A 297 -7.38 8.38 1.37
N PHE A 298 -8.59 8.71 0.97
CA PHE A 298 -9.73 7.83 1.08
C PHE A 298 -10.24 7.49 -0.31
N THR A 299 -10.60 6.23 -0.49
CA THR A 299 -11.06 5.69 -1.75
C THR A 299 -12.57 5.70 -1.85
N PRO A 300 -13.12 5.52 -3.06
CA PRO A 300 -14.57 5.38 -3.20
C PRO A 300 -15.10 4.18 -2.45
N GLU A 301 -14.33 3.10 -2.36
CA GLU A 301 -14.78 1.95 -1.58
C GLU A 301 -14.77 2.27 -0.09
N ASP A 302 -13.77 3.00 0.41
CA ASP A 302 -13.78 3.36 1.82
C ASP A 302 -15.04 4.13 2.15
N VAL A 303 -15.39 5.10 1.30
CA VAL A 303 -16.58 5.90 1.53
C VAL A 303 -17.83 5.06 1.44
N ASN A 304 -17.91 4.19 0.46
CA ASN A 304 -19.07 3.31 0.35
C ASN A 304 -19.23 2.44 1.56
N MET A 305 -18.13 1.88 2.06
CA MET A 305 -18.26 0.94 3.16
C MET A 305 -18.49 1.64 4.49
N GLN A 306 -17.71 2.67 4.79
CA GLN A 306 -17.72 3.22 6.13
C GLN A 306 -18.89 4.15 6.38
N ILE A 307 -19.34 4.87 5.35
CA ILE A 307 -20.49 5.74 5.52
C ILE A 307 -21.80 5.03 5.14
N MET A 308 -21.79 4.09 4.18
CA MET A 308 -23.07 3.51 3.75
C MET A 308 -23.27 2.02 3.99
N GLY A 309 -22.28 1.29 4.47
CA GLY A 309 -22.44 -0.15 4.62
C GLY A 309 -22.21 -0.98 3.38
N VAL A 310 -21.89 -0.36 2.24
CA VAL A 310 -21.79 -1.07 0.96
C VAL A 310 -20.38 -1.61 0.72
N VAL A 311 -20.27 -2.94 0.55
CA VAL A 311 -19.09 -3.56 -0.03
C VAL A 311 -19.07 -3.31 -1.55
C02 N02 B . 17.57 2.29 2.87
C04 N02 B . 17.21 -0.16 2.94
C05 N02 B . 17.94 -1.42 2.48
C06 N02 B . 18.46 -1.34 1.03
C07 N02 B . 17.32 -1.48 0.02
C08 N02 B . 19.53 -2.40 0.77
C09 N02 B . 16.72 -0.32 4.39
C11 N02 B . 15.04 -1.24 6.05
C12 N02 B . 13.81 -0.34 6.30
C13 N02 B . 14.13 1.15 6.25
C14 N02 B . 12.80 1.97 6.46
C16 N02 B . 14.56 2.71 7.92
C17 N02 B . 15.04 1.54 7.42
C19 N02 B . 14.75 -2.72 6.27
C23 N02 B . 17.89 4.64 2.98
N03 N02 B . 18.13 0.96 2.93
N10 N02 B . 15.51 -1.09 4.68
N15 N02 B . 13.05 2.87 7.46
O01 N02 B . 16.39 2.45 2.96
O18 N02 B . 11.78 1.80 5.88
O20 N02 B . 14.45 -3.31 7.50
O21 N02 B . 17.30 0.19 5.28
O22 N02 B . 18.45 3.37 2.68
C02 B6Y C . 17.56 2.12 2.93
C04 B6Y C . 17.19 -0.31 3.03
C05 B6Y C . 17.89 -1.58 2.53
C06 B6Y C . 18.41 -1.49 1.09
C07 B6Y C . 17.28 -1.73 0.08
C08 B6Y C . 19.56 -2.48 0.85
C09 B6Y C . 16.75 -0.51 4.48
C11 B6Y C . 15.04 -1.32 6.15
C12 B6Y C . 13.80 -0.47 6.44
C13 B6Y C . 14.04 1.03 6.34
C14 B6Y C . 12.69 1.80 6.68
C16 B6Y C . 14.57 2.70 7.88
C17 B6Y C . 15.04 1.50 7.42
C19 B6Y C . 14.77 -2.81 6.27
C23 B6Y C . 17.82 4.48 2.85
N03 B6Y C . 18.11 0.80 2.98
N10 B6Y C . 15.46 -1.13 4.78
N15 B6Y C . 13.00 2.77 7.59
O01 B6Y C . 16.36 2.27 2.99
O18 B6Y C . 11.62 1.55 6.23
O20 B6Y C . 15.97 -3.47 6.01
O21 B6Y C . 17.44 -0.17 5.38
O22 B6Y C . 18.44 3.21 2.81
#